data_3N6M
#
_entry.id   3N6M
#
_cell.length_a   103.494
_cell.length_b   103.494
_cell.length_c   133.049
_cell.angle_alpha   90.00
_cell.angle_beta   90.00
_cell.angle_gamma   120.00
#
_symmetry.space_group_name_H-M   'P 32 2 1'
#
loop_
_entity.id
_entity.type
_entity.pdbx_description
1 polymer 'RNA-dependent RNA polymerase'
2 non-polymer 'NICKEL (II) ION'
3 non-polymer "GUANOSINE-5'-TRIPHOSPHATE"
4 water water
#
_entity_poly.entity_id   1
_entity_poly.type   'polypeptide(L)'
_entity_poly.pdbx_seq_one_letter_code
;GEIQWVKPNKETGRLSINGPTRTKLEPSVFHDVFEGNKEPAVLHSKDPRLEVDFEQALFSKYVGNTLYEPDEYIKEAALH
YANQLKQLEINTSQMSMEEACYGTENLEAIDLHTSAGYPYSALGIKKRDILDPTTRDVSKMKFYMDKYGLDLPYSTYVKD
ELRSIDKIKKGKSRLIEASSLNDSVYLRMAFGHLYETFHANPGTITGSAVGCNPDTFWSKLPILLPGSLFAFDYSGYDAS
LSPVWFRALELVLREIGYSEGAISLIEGINHTHHVYRNKTYCVLGGMPSGCSGTSIFNSMINNIIIRALLIKTFKGIDLD
ELNMVAYGDDVLASYPFPIDCLELAKTGKEYGLTMTPADKSPCFNEVNWDNATFLKRGFLPDEQFPFLIHPTMPMREIHE
SIRWTKDARNTQDHVRSLCLLAWHNGKQEYEKFVSTIRSVPVGRALAIPNYENLRRNWLELF
;
_entity_poly.pdbx_strand_id   A
#
loop_
_chem_comp.id
_chem_comp.type
_chem_comp.name
_chem_comp.formula
GTP non-polymer GUANOSINE-5'-TRIPHOSPHATE 'C10 H16 N5 O14 P3'
NI non-polymer 'NICKEL (II) ION' 'Ni 2'
#
# COMPACT_ATOMS: atom_id res chain seq x y z
N GLY A 1 8.73 -8.46 -11.88
CA GLY A 1 9.17 -9.61 -11.06
C GLY A 1 8.88 -10.90 -11.81
N GLU A 2 9.60 -11.95 -11.43
CA GLU A 2 9.50 -13.20 -12.12
C GLU A 2 9.95 -14.29 -11.17
N ILE A 3 9.15 -15.36 -11.09
CA ILE A 3 9.52 -16.55 -10.32
C ILE A 3 10.60 -17.30 -11.10
N GLN A 4 11.67 -17.69 -10.40
CA GLN A 4 12.80 -18.44 -10.95
C GLN A 4 12.62 -19.95 -10.80
N TRP A 5 12.10 -20.39 -9.67
CA TRP A 5 11.88 -21.83 -9.41
C TRP A 5 10.91 -22.02 -8.26
N VAL A 6 10.41 -23.23 -8.16
CA VAL A 6 9.40 -23.61 -7.20
C VAL A 6 9.87 -24.97 -6.76
N LYS A 7 9.84 -25.23 -5.45
CA LYS A 7 10.29 -26.52 -4.93
C LYS A 7 9.36 -26.88 -3.79
N PRO A 8 9.14 -28.20 -3.57
CA PRO A 8 8.41 -28.60 -2.36
C PRO A 8 9.23 -28.33 -1.11
N ASN A 9 8.57 -28.07 0.00
CA ASN A 9 9.26 -27.82 1.25
C ASN A 9 10.07 -29.03 1.72
N LYS A 10 9.64 -30.24 1.32
CA LYS A 10 10.37 -31.47 1.61
C LYS A 10 11.80 -31.36 1.11
N GLU A 11 11.94 -30.80 -0.10
CA GLU A 11 13.25 -30.49 -0.67
C GLU A 11 14.01 -29.41 0.12
N THR A 12 13.40 -28.24 0.33
CA THR A 12 14.11 -27.08 0.88
C THR A 12 14.26 -27.06 2.41
N GLY A 13 13.45 -27.89 3.07
CA GLY A 13 13.45 -27.96 4.54
C GLY A 13 12.71 -26.82 5.22
N ARG A 14 11.96 -26.04 4.44
CA ARG A 14 11.24 -24.89 4.97
C ARG A 14 9.96 -25.37 5.63
N LEU A 15 9.61 -24.71 6.74
CA LEU A 15 8.42 -25.07 7.53
C LEU A 15 7.15 -24.57 6.88
N SER A 16 6.17 -25.45 6.78
CA SER A 16 4.89 -25.17 6.14
C SER A 16 3.99 -24.41 7.09
N ILE A 17 3.03 -23.69 6.54
CA ILE A 17 1.91 -23.25 7.35
C ILE A 17 0.66 -24.11 7.00
N ASN A 18 -0.32 -24.18 7.90
CA ASN A 18 -1.40 -25.18 7.79
C ASN A 18 -2.59 -24.80 6.88
N GLY A 19 -3.74 -25.47 7.10
CA GLY A 19 -5.05 -24.98 6.62
C GLY A 19 -5.62 -24.05 7.70
N PRO A 20 -6.96 -23.95 7.82
CA PRO A 20 -7.99 -24.52 6.90
C PRO A 20 -8.36 -23.55 5.75
N THR A 21 -8.23 -22.24 6.00
CA THR A 21 -8.50 -21.20 5.00
C THR A 21 -9.96 -21.26 4.48
N ARG A 22 -10.90 -21.03 5.39
CA ARG A 22 -12.25 -20.59 5.02
C ARG A 22 -12.33 -19.12 5.39
N THR A 23 -13.17 -18.39 4.69
CA THR A 23 -13.27 -16.96 4.93
C THR A 23 -13.86 -16.67 6.29
N LYS A 24 -13.44 -15.57 6.88
CA LYS A 24 -14.04 -15.11 8.10
C LYS A 24 -15.17 -14.12 7.83
N LEU A 25 -15.27 -13.67 6.58
CA LEU A 25 -16.33 -12.77 6.16
C LEU A 25 -17.69 -13.47 6.02
N GLU A 26 -18.70 -12.87 6.64
CA GLU A 26 -20.06 -13.36 6.51
C GLU A 26 -21.02 -12.22 6.22
N PRO A 27 -22.14 -12.53 5.55
CA PRO A 27 -23.14 -11.51 5.29
C PRO A 27 -23.59 -10.92 6.61
N SER A 28 -23.61 -9.59 6.71
CA SER A 28 -24.01 -8.91 7.93
C SER A 28 -25.54 -8.71 7.90
N VAL A 29 -26.07 -8.24 9.02
CA VAL A 29 -27.46 -7.80 9.08
C VAL A 29 -27.84 -6.76 8.01
N PHE A 30 -26.88 -6.24 7.26
CA PHE A 30 -27.18 -5.25 6.25
C PHE A 30 -27.03 -5.76 4.83
N HIS A 31 -26.68 -7.02 4.70
CA HIS A 31 -26.37 -7.60 3.40
C HIS A 31 -27.52 -7.38 2.43
N ASP A 32 -28.74 -7.49 2.94
CA ASP A 32 -29.90 -7.40 2.06
C ASP A 32 -30.63 -6.08 2.12
N VAL A 33 -30.14 -5.18 2.99
CA VAL A 33 -30.64 -3.81 3.09
C VAL A 33 -29.94 -2.90 2.06
N PHE A 34 -28.62 -3.05 1.94
CA PHE A 34 -27.84 -2.27 0.96
C PHE A 34 -27.48 -3.15 -0.23
N GLU A 35 -27.19 -2.50 -1.36
CA GLU A 35 -26.79 -3.23 -2.58
C GLU A 35 -25.30 -3.24 -2.82
N GLY A 36 -24.82 -4.39 -3.29
CA GLY A 36 -23.47 -4.56 -3.80
C GLY A 36 -23.31 -5.86 -4.56
N ASN A 37 -22.10 -6.13 -5.05
CA ASN A 37 -21.87 -7.44 -5.67
C ASN A 37 -20.49 -8.06 -5.54
N LYS A 38 -19.71 -7.62 -4.57
CA LYS A 38 -18.46 -8.27 -4.27
C LYS A 38 -18.76 -9.37 -3.30
N GLU A 39 -17.93 -10.40 -3.32
CA GLU A 39 -17.98 -11.47 -2.34
C GLU A 39 -16.56 -11.74 -1.83
N PRO A 40 -16.44 -12.58 -0.77
CA PRO A 40 -15.13 -12.93 -0.24
C PRO A 40 -14.25 -13.57 -1.31
N ALA A 41 -12.98 -13.18 -1.33
CA ALA A 41 -12.01 -13.66 -2.31
C ALA A 41 -11.86 -15.17 -2.21
N VAL A 42 -11.44 -15.79 -3.31
CA VAL A 42 -11.10 -17.22 -3.29
C VAL A 42 -9.86 -17.45 -2.44
N LEU A 43 -9.96 -18.41 -1.54
CA LEU A 43 -8.92 -18.68 -0.57
C LEU A 43 -8.16 -19.99 -0.78
N HIS A 44 -8.76 -20.91 -1.55
CA HIS A 44 -8.19 -22.25 -1.69
C HIS A 44 -8.52 -22.83 -3.03
N SER A 45 -7.66 -23.69 -3.52
CA SER A 45 -7.73 -24.20 -4.91
C SER A 45 -9.04 -24.93 -5.26
N LYS A 46 -9.72 -25.53 -4.28
CA LYS A 46 -10.98 -26.21 -4.61
C LYS A 46 -12.25 -25.40 -4.31
N ASP A 47 -12.19 -24.07 -4.44
CA ASP A 47 -13.37 -23.17 -4.31
C ASP A 47 -14.30 -23.35 -5.51
N PRO A 48 -15.59 -23.61 -5.24
CA PRO A 48 -16.59 -23.87 -6.30
C PRO A 48 -16.84 -22.73 -7.26
N ARG A 49 -16.41 -21.52 -6.94
CA ARG A 49 -16.67 -20.40 -7.85
C ARG A 49 -15.55 -20.24 -8.88
N LEU A 50 -14.45 -20.95 -8.69
CA LEU A 50 -13.29 -20.86 -9.58
C LEU A 50 -13.62 -21.33 -10.97
N GLU A 51 -13.21 -20.55 -11.96
CA GLU A 51 -13.34 -21.00 -13.33
C GLU A 51 -11.98 -21.36 -13.91
N VAL A 52 -10.92 -21.15 -13.13
CA VAL A 52 -9.55 -21.35 -13.61
C VAL A 52 -8.70 -22.05 -12.58
N ASP A 53 -7.46 -22.36 -12.95
CA ASP A 53 -6.51 -22.86 -11.96
C ASP A 53 -6.10 -21.75 -10.98
N PHE A 54 -6.33 -21.98 -9.69
CA PHE A 54 -6.05 -20.99 -8.65
C PHE A 54 -4.59 -20.61 -8.53
N GLU A 55 -3.74 -21.57 -8.13
CA GLU A 55 -2.30 -21.37 -8.05
C GLU A 55 -1.73 -20.59 -9.25
N GLN A 56 -2.19 -20.90 -10.44
CA GLN A 56 -1.58 -20.25 -11.55
C GLN A 56 -2.15 -18.82 -11.72
N ALA A 57 -3.40 -18.62 -11.33
CA ALA A 57 -3.96 -17.26 -11.28
C ALA A 57 -3.21 -16.37 -10.26
N LEU A 58 -2.91 -16.93 -9.09
CA LEU A 58 -2.22 -16.22 -8.04
C LEU A 58 -0.87 -15.71 -8.49
N PHE A 59 -0.12 -16.54 -9.19
CA PHE A 59 1.24 -16.17 -9.58
C PHE A 59 1.36 -15.54 -10.94
N SER A 60 0.24 -15.35 -11.63
CA SER A 60 0.29 -14.75 -12.95
C SER A 60 0.65 -13.27 -12.84
N LYS A 61 0.53 -12.70 -11.64
CA LYS A 61 0.93 -11.29 -11.40
C LYS A 61 2.38 -11.04 -11.78
N TYR A 62 3.22 -12.06 -11.62
CA TYR A 62 4.62 -11.93 -11.96
C TYR A 62 4.80 -11.97 -13.46
N VAL A 63 4.79 -10.81 -14.10
CA VAL A 63 4.74 -10.73 -15.56
C VAL A 63 6.13 -10.85 -16.23
N GLY A 64 7.17 -10.95 -15.42
CA GLY A 64 8.52 -11.03 -15.95
C GLY A 64 9.32 -9.79 -15.60
N ASN A 65 10.56 -9.78 -16.06
CA ASN A 65 11.47 -8.71 -15.80
C ASN A 65 11.96 -8.20 -17.09
N THR A 66 11.89 -6.90 -17.30
CA THR A 66 12.32 -6.37 -18.57
C THR A 66 13.80 -5.92 -18.46
N LEU A 67 14.10 -5.01 -17.54
CA LEU A 67 15.43 -4.44 -17.43
C LEU A 67 16.03 -4.84 -16.08
N TYR A 68 17.34 -5.10 -16.05
CA TYR A 68 18.01 -5.44 -14.79
C TYR A 68 18.93 -4.32 -14.35
N GLU A 69 19.27 -3.45 -15.28
CA GLU A 69 20.33 -2.48 -15.10
C GLU A 69 19.76 -1.13 -15.51
N PRO A 70 19.91 -0.10 -14.65
CA PRO A 70 19.47 1.26 -14.99
C PRO A 70 20.09 1.72 -16.28
N ASP A 71 19.26 2.22 -17.19
CA ASP A 71 19.71 2.95 -18.36
C ASP A 71 19.95 4.41 -17.94
N GLU A 72 20.18 5.31 -18.90
CA GLU A 72 20.51 6.72 -18.63
C GLU A 72 19.34 7.54 -18.07
N TYR A 73 18.12 7.18 -18.48
CA TYR A 73 16.90 7.88 -18.03
C TYR A 73 16.63 7.59 -16.55
N ILE A 74 16.53 6.31 -16.23
CA ILE A 74 16.41 5.85 -14.86
C ILE A 74 17.54 6.47 -14.02
N LYS A 75 18.76 6.45 -14.53
CA LYS A 75 19.90 7.05 -13.81
C LYS A 75 19.68 8.52 -13.49
N GLU A 76 19.19 9.27 -14.47
CA GLU A 76 18.98 10.69 -14.29
C GLU A 76 17.85 10.96 -13.27
N ALA A 77 16.79 10.15 -13.39
CA ALA A 77 15.61 10.23 -12.53
C ALA A 77 15.97 10.01 -11.06
N ALA A 78 16.73 8.95 -10.81
CA ALA A 78 17.23 8.63 -9.47
C ALA A 78 17.99 9.79 -8.87
N LEU A 79 18.84 10.43 -9.67
CA LEU A 79 19.64 11.57 -9.22
C LEU A 79 18.78 12.78 -8.83
N HIS A 80 17.77 13.07 -9.65
CA HIS A 80 16.89 14.21 -9.39
C HIS A 80 16.15 14.03 -8.06
N TYR A 81 15.60 12.83 -7.89
CA TYR A 81 14.87 12.52 -6.70
C TYR A 81 15.82 12.60 -5.53
N ALA A 82 16.97 11.95 -5.66
CA ALA A 82 17.92 11.94 -4.56
C ALA A 82 18.39 13.36 -4.21
N ASN A 83 18.60 14.21 -5.22
CA ASN A 83 18.99 15.56 -4.87
C ASN A 83 17.91 16.27 -4.08
N GLN A 84 16.66 16.12 -4.53
CA GLN A 84 15.52 16.73 -3.87
C GLN A 84 15.40 16.31 -2.43
N LEU A 85 15.70 15.06 -2.13
CA LEU A 85 15.63 14.58 -0.75
C LEU A 85 16.71 15.17 0.14
N LYS A 86 17.78 15.71 -0.45
CA LYS A 86 18.91 16.21 0.35
C LYS A 86 18.48 17.26 1.38
N GLN A 87 17.58 18.16 0.98
CA GLN A 87 17.08 19.19 1.90
C GLN A 87 16.46 18.65 3.20
N LEU A 88 16.03 17.39 3.22
CA LEU A 88 15.39 16.84 4.41
C LEU A 88 16.42 16.49 5.49
N GLU A 89 17.68 16.31 5.11
CA GLU A 89 18.75 15.95 6.07
C GLU A 89 18.43 14.67 6.81
N ILE A 90 18.14 13.62 6.03
CA ILE A 90 17.78 12.34 6.59
C ILE A 90 18.99 11.81 7.38
N ASN A 91 18.70 11.41 8.62
CA ASN A 91 19.66 10.77 9.49
C ASN A 91 19.94 9.30 9.05
N THR A 92 21.10 9.06 8.48
CA THR A 92 21.44 7.76 7.93
C THR A 92 22.10 6.80 8.92
N SER A 93 22.24 7.23 10.16
CA SER A 93 22.83 6.35 11.16
C SER A 93 21.81 5.29 11.59
N GLN A 94 22.28 4.12 11.97
CA GLN A 94 21.42 3.03 12.43
C GLN A 94 20.47 3.50 13.52
N MET A 95 19.24 3.00 13.52
CA MET A 95 18.33 3.31 14.62
C MET A 95 18.46 2.21 15.67
N SER A 96 18.33 2.55 16.95
CA SER A 96 18.46 1.53 17.97
C SER A 96 17.37 0.43 17.84
N MET A 97 17.73 -0.78 18.28
CA MET A 97 16.78 -1.88 18.25
C MET A 97 15.53 -1.52 19.03
N GLU A 98 15.68 -0.74 20.10
CA GLU A 98 14.51 -0.43 20.93
C GLU A 98 13.49 0.36 20.11
N GLU A 99 13.99 1.28 19.29
CA GLU A 99 13.11 2.23 18.63
C GLU A 99 12.43 1.56 17.44
N ALA A 100 13.21 0.77 16.72
CA ALA A 100 12.70 -0.04 15.65
C ALA A 100 11.57 -0.93 16.12
N CYS A 101 11.70 -1.55 17.29
CA CYS A 101 10.63 -2.44 17.75
C CYS A 101 9.48 -1.71 18.38
N TYR A 102 9.79 -0.64 19.12
CA TYR A 102 8.82 -0.03 20.01
C TYR A 102 8.28 1.35 19.64
N GLY A 103 8.94 2.04 18.72
CA GLY A 103 8.40 3.29 18.22
C GLY A 103 9.07 4.54 18.74
N THR A 104 8.93 5.60 17.96
CA THR A 104 9.31 6.93 18.36
C THR A 104 8.09 7.76 17.99
N GLU A 105 8.17 9.10 18.10
CA GLU A 105 6.98 9.89 17.89
C GLU A 105 6.58 9.86 16.42
N ASN A 106 7.57 9.66 15.55
CA ASN A 106 7.32 9.57 14.12
C ASN A 106 7.37 8.17 13.50
N LEU A 107 7.46 7.15 14.34
CA LEU A 107 7.47 5.77 13.87
C LEU A 107 6.65 4.89 14.81
N GLU A 108 5.64 4.23 14.27
CA GLU A 108 4.83 3.35 15.10
C GLU A 108 5.56 2.06 15.46
N ALA A 109 5.28 1.60 16.67
CA ALA A 109 5.71 0.31 17.15
C ALA A 109 5.30 -0.73 16.12
N ILE A 110 6.14 -1.73 15.94
CA ILE A 110 5.84 -2.92 15.16
C ILE A 110 4.50 -3.41 15.69
N ASP A 111 3.57 -3.65 14.78
CA ASP A 111 2.21 -3.97 15.15
C ASP A 111 2.20 -5.33 15.83
N LEU A 112 1.76 -5.38 17.08
CA LEU A 112 1.71 -6.64 17.78
C LEU A 112 0.52 -7.55 17.40
N HIS A 113 -0.29 -7.16 16.42
CA HIS A 113 -1.45 -7.95 15.98
C HIS A 113 -1.11 -8.92 14.85
N THR A 114 -0.34 -8.45 13.86
CA THR A 114 -0.03 -9.29 12.68
C THR A 114 1.00 -10.40 13.00
N SER A 115 1.13 -11.38 12.10
CA SER A 115 2.00 -12.53 12.38
C SER A 115 3.47 -12.10 12.41
N ALA A 116 4.31 -12.89 13.07
CA ALA A 116 5.74 -12.62 13.10
C ALA A 116 6.48 -13.18 11.88
N GLY A 117 5.75 -13.79 10.96
CA GLY A 117 6.38 -14.34 9.78
C GLY A 117 7.24 -15.57 10.05
N TYR A 118 8.12 -15.89 9.11
CA TYR A 118 8.94 -17.10 9.15
C TYR A 118 10.07 -16.98 10.18
N PRO A 119 10.33 -18.04 10.97
CA PRO A 119 9.59 -19.30 11.14
C PRO A 119 8.50 -19.25 12.20
N TYR A 120 8.34 -18.09 12.83
CA TYR A 120 7.52 -17.93 14.01
C TYR A 120 6.07 -18.35 13.83
N SER A 121 5.45 -17.92 12.74
CA SER A 121 4.06 -18.31 12.50
C SER A 121 3.92 -19.82 12.37
N ALA A 122 4.89 -20.47 11.72
CA ALA A 122 4.89 -21.93 11.58
C ALA A 122 5.16 -22.65 12.91
N LEU A 123 5.87 -21.99 13.82
CA LEU A 123 6.23 -22.58 15.12
C LEU A 123 5.21 -22.25 16.22
N GLY A 124 4.24 -21.38 15.93
CA GLY A 124 3.30 -20.96 16.97
C GLY A 124 3.78 -19.84 17.88
N ILE A 125 4.94 -19.26 17.58
CA ILE A 125 5.47 -18.15 18.36
C ILE A 125 4.88 -16.82 17.86
N LYS A 126 4.28 -16.07 18.78
CA LYS A 126 3.65 -14.78 18.48
C LYS A 126 4.55 -13.60 18.79
N LYS A 127 4.29 -12.45 18.17
CA LYS A 127 5.03 -11.21 18.48
C LYS A 127 4.93 -10.87 19.95
N ARG A 128 3.73 -11.06 20.47
CA ARG A 128 3.40 -10.88 21.86
C ARG A 128 4.38 -11.64 22.77
N ASP A 129 4.80 -12.84 22.35
CA ASP A 129 5.76 -13.64 23.09
C ASP A 129 7.12 -13.00 23.14
N ILE A 130 7.45 -12.20 22.13
CA ILE A 130 8.81 -11.69 22.02
C ILE A 130 8.92 -10.27 22.57
N LEU A 131 7.89 -9.49 22.32
CA LEU A 131 7.93 -8.04 22.51
C LEU A 131 6.91 -7.58 23.55
N ASP A 132 7.33 -6.70 24.46
CA ASP A 132 6.43 -6.12 25.48
C ASP A 132 6.52 -4.59 25.50
N PRO A 133 5.42 -3.90 25.17
CA PRO A 133 5.48 -2.45 25.14
C PRO A 133 5.63 -1.88 26.54
N THR A 134 5.23 -2.64 27.57
CA THR A 134 5.39 -2.12 28.94
C THR A 134 6.83 -2.11 29.37
N THR A 135 7.65 -3.01 28.82
CA THR A 135 9.06 -3.11 29.24
C THR A 135 9.98 -2.47 28.25
N ARG A 136 9.57 -2.46 26.98
CA ARG A 136 10.48 -2.06 25.88
C ARG A 136 11.79 -2.90 25.86
N ASP A 137 11.71 -4.15 26.32
CA ASP A 137 12.86 -5.08 26.36
C ASP A 137 13.27 -5.58 24.96
N VAL A 138 14.54 -5.45 24.60
CA VAL A 138 15.00 -5.99 23.32
C VAL A 138 15.85 -7.24 23.44
N SER A 139 16.11 -7.69 24.68
CA SER A 139 16.98 -8.84 24.87
C SER A 139 16.34 -10.12 24.28
N LYS A 140 15.04 -10.30 24.43
CA LYS A 140 14.40 -11.45 23.79
C LYS A 140 14.43 -11.38 22.25
N MET A 141 14.32 -10.18 21.69
CA MET A 141 14.35 -10.00 20.24
C MET A 141 15.74 -10.33 19.67
N LYS A 142 16.77 -9.87 20.36
CA LYS A 142 18.15 -10.19 20.05
C LYS A 142 18.41 -11.71 20.11
N PHE A 143 17.84 -12.36 21.13
CA PHE A 143 17.94 -13.81 21.25
C PHE A 143 17.43 -14.54 20.00
N TYR A 144 16.21 -14.18 19.56
CA TYR A 144 15.64 -14.78 18.36
C TYR A 144 16.30 -14.32 17.08
N MET A 145 16.87 -13.12 17.09
CA MET A 145 17.66 -12.64 15.96
C MET A 145 18.90 -13.53 15.76
N ASP A 146 19.60 -13.82 16.85
CA ASP A 146 20.78 -14.69 16.79
C ASP A 146 20.33 -16.12 16.45
N LYS A 147 19.21 -16.55 17.02
CA LYS A 147 18.75 -17.89 16.78
C LYS A 147 18.43 -18.15 15.30
N TYR A 148 17.65 -17.32 14.63
CA TYR A 148 17.22 -17.65 13.26
C TYR A 148 17.93 -16.92 12.13
N GLY A 149 18.69 -15.89 12.48
CA GLY A 149 19.41 -15.14 11.48
C GLY A 149 18.55 -14.13 10.71
N LEU A 150 19.18 -13.53 9.70
CA LEU A 150 18.56 -12.59 8.80
C LEU A 150 18.21 -13.25 7.49
N ASP A 151 17.53 -12.52 6.61
CA ASP A 151 17.32 -12.96 5.25
C ASP A 151 16.47 -14.24 5.14
N LEU A 152 15.41 -14.28 5.92
CA LEU A 152 14.53 -15.42 5.96
C LEU A 152 13.47 -15.33 4.87
N PRO A 153 12.85 -16.46 4.52
CA PRO A 153 11.74 -16.40 3.57
C PRO A 153 10.51 -15.60 4.02
N TYR A 154 9.70 -15.20 3.05
CA TYR A 154 8.50 -14.46 3.27
C TYR A 154 7.36 -15.45 3.30
N SER A 155 6.82 -15.65 4.50
CA SER A 155 5.66 -16.49 4.67
C SER A 155 4.45 -15.81 3.99
N THR A 156 3.85 -16.52 3.04
CA THR A 156 2.94 -15.91 2.08
C THR A 156 1.60 -16.62 2.21
N TYR A 157 0.51 -15.84 2.31
CA TYR A 157 -0.84 -16.42 2.38
C TYR A 157 -1.86 -15.53 1.64
N VAL A 158 -3.03 -16.07 1.31
CA VAL A 158 -4.07 -15.29 0.62
C VAL A 158 -4.83 -14.28 1.53
N LYS A 159 -4.95 -13.04 1.08
CA LYS A 159 -5.71 -12.04 1.80
C LYS A 159 -7.19 -12.35 1.80
N ASP A 160 -7.77 -12.46 2.99
CA ASP A 160 -9.22 -12.64 3.18
C ASP A 160 -9.91 -11.27 3.08
N GLU A 161 -10.58 -11.00 1.94
CA GLU A 161 -11.16 -9.67 1.67
C GLU A 161 -12.24 -9.77 0.58
N LEU A 162 -13.08 -8.76 0.42
CA LEU A 162 -14.06 -8.74 -0.68
C LEU A 162 -13.43 -8.50 -2.05
N ARG A 163 -13.98 -9.13 -3.09
CA ARG A 163 -13.47 -8.97 -4.46
C ARG A 163 -14.62 -8.96 -5.43
N SER A 164 -14.39 -8.39 -6.60
CA SER A 164 -15.41 -8.40 -7.64
C SER A 164 -15.65 -9.81 -8.11
N ILE A 165 -16.81 -10.02 -8.73
CA ILE A 165 -17.21 -11.35 -9.16
C ILE A 165 -16.25 -11.87 -10.24
N ASP A 166 -15.79 -10.97 -11.10
CA ASP A 166 -14.83 -11.31 -12.14
C ASP A 166 -13.51 -11.77 -11.52
N LYS A 167 -13.05 -11.08 -10.47
CA LYS A 167 -11.83 -11.49 -9.72
C LYS A 167 -11.97 -12.84 -9.05
N ILE A 168 -13.21 -13.24 -8.74
CA ILE A 168 -13.41 -14.51 -8.08
C ILE A 168 -13.40 -15.67 -9.10
N LYS A 169 -14.10 -15.49 -10.20
CA LYS A 169 -14.15 -16.53 -11.22
C LYS A 169 -12.74 -16.75 -11.77
N LYS A 170 -12.00 -15.63 -11.93
CA LYS A 170 -10.67 -15.66 -12.51
C LYS A 170 -9.56 -15.95 -11.51
N GLY A 171 -9.95 -16.24 -10.27
CA GLY A 171 -9.00 -16.55 -9.22
C GLY A 171 -8.01 -15.44 -8.89
N LYS A 172 -8.34 -14.19 -9.17
CA LYS A 172 -7.42 -13.11 -8.88
C LYS A 172 -7.51 -12.60 -7.43
N SER A 173 -7.21 -13.48 -6.47
CA SER A 173 -7.03 -13.04 -5.08
C SER A 173 -5.68 -12.32 -4.93
N ARG A 174 -5.51 -11.62 -3.81
CA ARG A 174 -4.23 -10.97 -3.52
C ARG A 174 -3.47 -11.71 -2.44
N LEU A 175 -2.14 -11.67 -2.50
CA LEU A 175 -1.34 -12.33 -1.47
C LEU A 175 -0.78 -11.37 -0.45
N ILE A 176 -0.66 -11.84 0.78
CA ILE A 176 0.12 -11.17 1.79
C ILE A 176 1.48 -11.89 1.89
N GLU A 177 2.55 -11.12 1.78
CA GLU A 177 3.89 -11.63 1.80
C GLU A 177 4.67 -10.95 2.95
N ALA A 178 4.61 -11.59 4.11
CA ALA A 178 5.15 -11.06 5.37
C ALA A 178 6.64 -11.37 5.52
N SER A 179 7.46 -10.34 5.64
CA SER A 179 8.83 -10.61 5.99
C SER A 179 8.90 -11.18 7.42
N SER A 180 9.98 -11.90 7.72
CA SER A 180 10.22 -12.33 9.07
C SER A 180 10.39 -11.13 9.98
N LEU A 181 9.89 -11.25 11.20
CA LEU A 181 10.10 -10.22 12.19
C LEU A 181 11.60 -9.82 12.26
N ASN A 182 12.49 -10.80 12.16
CA ASN A 182 13.93 -10.54 12.22
C ASN A 182 14.36 -9.52 11.18
N ASP A 183 13.90 -9.72 9.95
CA ASP A 183 14.23 -8.86 8.86
C ASP A 183 13.51 -7.51 8.97
N SER A 184 12.27 -7.45 9.48
CA SER A 184 11.65 -6.11 9.69
C SER A 184 12.46 -5.29 10.67
N VAL A 185 12.85 -5.91 11.78
CA VAL A 185 13.62 -5.22 12.81
C VAL A 185 14.89 -4.67 12.18
N TYR A 186 15.63 -5.53 11.50
CA TYR A 186 16.88 -5.11 10.94
C TYR A 186 16.71 -4.02 9.86
N LEU A 187 15.62 -4.09 9.08
CA LEU A 187 15.33 -3.10 8.04
C LEU A 187 15.00 -1.78 8.70
N ARG A 188 14.20 -1.87 9.75
CA ARG A 188 13.77 -0.70 10.50
C ARG A 188 14.93 -0.09 11.28
N MET A 189 15.86 -0.92 11.74
CA MET A 189 17.06 -0.37 12.35
C MET A 189 17.84 0.39 11.30
N ALA A 190 18.00 -0.20 10.12
CA ALA A 190 18.75 0.46 9.06
C ALA A 190 18.13 1.75 8.51
N PHE A 191 16.81 1.78 8.31
CA PHE A 191 16.20 2.93 7.64
C PHE A 191 15.15 3.64 8.46
N GLY A 192 15.07 3.31 9.75
CA GLY A 192 14.09 3.93 10.66
C GLY A 192 13.98 5.45 10.68
N HIS A 193 15.10 6.14 10.56
CA HIS A 193 15.08 7.62 10.65
C HIS A 193 14.50 8.20 9.35
N LEU A 194 14.90 7.62 8.22
CA LEU A 194 14.25 7.88 6.93
C LEU A 194 12.73 7.69 7.05
N TYR A 195 12.30 6.58 7.64
CA TYR A 195 10.86 6.40 7.84
C TYR A 195 10.25 7.51 8.71
N GLU A 196 10.96 7.92 9.75
CA GLU A 196 10.50 9.02 10.63
C GLU A 196 10.31 10.31 9.83
N THR A 197 11.28 10.62 8.97
CA THR A 197 11.18 11.86 8.26
C THR A 197 10.12 11.79 7.18
N PHE A 198 9.98 10.66 6.51
CA PHE A 198 8.84 10.49 5.59
C PHE A 198 7.45 10.56 6.26
N HIS A 199 7.25 9.92 7.42
CA HIS A 199 5.97 10.08 8.13
C HIS A 199 5.70 11.52 8.56
N ALA A 200 6.75 12.24 8.96
CA ALA A 200 6.55 13.59 9.46
C ALA A 200 6.26 14.55 8.30
N ASN A 201 6.76 14.22 7.11
CA ASN A 201 6.67 15.12 5.97
C ASN A 201 5.91 14.60 4.74
N PRO A 202 4.62 14.23 4.91
CA PRO A 202 3.91 13.88 3.70
C PRO A 202 3.83 15.11 2.83
N GLY A 203 4.02 14.97 1.53
CA GLY A 203 4.08 16.10 0.64
C GLY A 203 5.01 15.90 -0.51
N THR A 204 5.40 17.03 -1.13
CA THR A 204 6.10 17.05 -2.43
C THR A 204 7.63 17.09 -2.38
N ILE A 205 8.17 17.34 -1.20
CA ILE A 205 9.60 17.17 -0.99
C ILE A 205 9.96 15.68 -0.90
N THR A 206 9.33 14.96 0.03
CA THR A 206 9.50 13.50 0.12
C THR A 206 8.88 12.80 -1.09
N GLY A 207 7.87 13.40 -1.69
CA GLY A 207 7.18 12.81 -2.84
C GLY A 207 6.25 11.70 -2.34
N SER A 208 5.79 11.84 -1.08
CA SER A 208 5.16 10.73 -0.35
C SER A 208 3.97 11.11 0.47
N ALA A 209 2.98 10.23 0.50
CA ALA A 209 1.75 10.47 1.28
C ALA A 209 1.55 9.40 2.34
N VAL A 210 2.59 8.55 2.48
CA VAL A 210 2.56 7.43 3.42
C VAL A 210 2.35 7.99 4.80
N GLY A 211 1.30 7.51 5.45
CA GLY A 211 1.00 7.85 6.82
C GLY A 211 0.13 9.07 6.94
N CYS A 212 -0.22 9.72 5.82
CA CYS A 212 -0.96 10.99 5.88
C CYS A 212 -2.32 10.77 6.49
N ASN A 213 -2.94 11.84 6.97
CA ASN A 213 -4.32 11.78 7.44
C ASN A 213 -5.23 12.53 6.44
N PRO A 214 -5.92 11.80 5.57
CA PRO A 214 -6.67 12.46 4.49
C PRO A 214 -7.63 13.56 4.97
N ASP A 215 -8.19 13.42 6.15
CA ASP A 215 -9.04 14.47 6.72
C ASP A 215 -8.43 15.86 6.59
N THR A 216 -7.10 15.94 6.71
CA THR A 216 -6.38 17.22 6.76
C THR A 216 -5.43 17.38 5.56
N PHE A 217 -4.88 16.25 5.10
CA PHE A 217 -3.96 16.30 3.97
C PHE A 217 -4.65 16.78 2.68
N TRP A 218 -5.93 16.45 2.50
CA TRP A 218 -6.65 16.81 1.28
C TRP A 218 -6.63 18.30 1.04
N SER A 219 -6.67 19.11 2.08
CA SER A 219 -6.70 20.56 1.94
C SER A 219 -5.36 21.08 1.45
N LYS A 220 -4.30 20.34 1.72
CA LYS A 220 -2.98 20.73 1.29
C LYS A 220 -2.68 20.40 -0.17
N LEU A 221 -3.28 19.33 -0.67
CA LEU A 221 -2.88 18.82 -1.97
C LEU A 221 -2.99 19.83 -3.12
N PRO A 222 -4.13 20.57 -3.22
CA PRO A 222 -4.26 21.56 -4.32
C PRO A 222 -3.18 22.63 -4.30
N ILE A 223 -2.65 22.95 -3.12
CA ILE A 223 -1.55 23.89 -2.99
C ILE A 223 -0.22 23.22 -3.41
N LEU A 224 0.01 21.99 -2.96
CA LEU A 224 1.23 21.27 -3.32
C LEU A 224 1.28 20.81 -4.79
N LEU A 225 0.12 20.68 -5.43
CA LEU A 225 0.08 20.27 -6.85
C LEU A 225 -0.65 21.26 -7.78
N PRO A 226 -0.07 22.48 -7.97
CA PRO A 226 -0.67 23.50 -8.83
C PRO A 226 -0.45 23.17 -10.30
N GLY A 227 -1.17 23.84 -11.18
CA GLY A 227 -1.08 23.54 -12.61
C GLY A 227 -2.07 22.45 -12.97
N SER A 228 -1.68 21.56 -13.86
CA SER A 228 -2.63 20.54 -14.34
C SER A 228 -2.22 19.14 -13.93
N LEU A 229 -3.18 18.42 -13.35
CA LEU A 229 -2.96 17.11 -12.74
C LEU A 229 -2.80 16.02 -13.77
N PHE A 230 -1.98 15.02 -13.44
CA PHE A 230 -2.07 13.73 -14.14
C PHE A 230 -2.03 12.56 -13.13
N ALA A 231 -2.53 11.39 -13.54
CA ALA A 231 -2.68 10.23 -12.65
C ALA A 231 -3.06 8.95 -13.43
N PHE A 232 -2.49 7.81 -13.02
CA PHE A 232 -2.78 6.52 -13.65
C PHE A 232 -3.20 5.50 -12.64
N ASP A 233 -3.76 4.42 -13.16
CA ASP A 233 -3.91 3.21 -12.39
C ASP A 233 -2.92 2.22 -12.99
N TYR A 234 -2.02 1.70 -12.16
CA TYR A 234 -1.24 0.56 -12.54
C TYR A 234 -2.10 -0.69 -12.38
N SER A 235 -1.89 -1.69 -13.24
CA SER A 235 -2.27 -3.07 -12.90
C SER A 235 -1.05 -3.78 -12.37
N GLY A 236 -1.16 -4.30 -11.15
CA GLY A 236 -0.13 -5.16 -10.54
C GLY A 236 1.23 -4.48 -10.49
N TYR A 237 1.25 -3.24 -10.05
CA TYR A 237 2.48 -2.49 -9.84
C TYR A 237 3.52 -3.33 -9.11
N ASP A 238 3.24 -3.69 -7.86
CA ASP A 238 4.26 -4.33 -7.03
C ASP A 238 5.01 -5.41 -7.79
N ALA A 239 4.26 -6.35 -8.39
CA ALA A 239 4.84 -7.56 -8.97
C ALA A 239 5.45 -7.27 -10.34
N SER A 240 5.16 -6.10 -10.88
CA SER A 240 5.61 -5.79 -12.22
C SER A 240 6.95 -5.10 -12.17
N LEU A 241 7.42 -4.72 -10.99
CA LEU A 241 8.70 -4.02 -10.90
C LEU A 241 9.82 -5.03 -11.20
N SER A 242 10.68 -4.67 -12.15
CA SER A 242 11.82 -5.54 -12.44
C SER A 242 13.02 -5.04 -11.60
N PRO A 243 14.09 -5.83 -11.52
CA PRO A 243 15.19 -5.48 -10.60
C PRO A 243 15.81 -4.09 -10.81
N VAL A 244 15.71 -3.58 -12.02
CA VAL A 244 16.20 -2.26 -12.34
C VAL A 244 15.74 -1.18 -11.33
N TRP A 245 14.49 -1.28 -10.87
CA TRP A 245 13.93 -0.25 -9.96
C TRP A 245 14.56 -0.33 -8.59
N PHE A 246 15.00 -1.53 -8.23
CA PHE A 246 15.70 -1.74 -6.98
C PHE A 246 17.12 -1.22 -7.09
N ARG A 247 17.75 -1.42 -8.25
CA ARG A 247 19.04 -0.78 -8.53
C ARG A 247 18.93 0.74 -8.45
N ALA A 248 17.88 1.31 -9.04
CA ALA A 248 17.70 2.75 -8.98
C ALA A 248 17.52 3.23 -7.56
N LEU A 249 16.74 2.49 -6.76
CA LEU A 249 16.55 2.87 -5.35
C LEU A 249 17.90 2.91 -4.61
N GLU A 250 18.73 1.88 -4.83
CA GLU A 250 20.09 1.86 -4.30
C GLU A 250 20.87 3.14 -4.69
N LEU A 251 20.69 3.62 -5.93
CA LEU A 251 21.41 4.83 -6.39
C LEU A 251 20.98 6.01 -5.54
N VAL A 252 19.67 6.08 -5.27
CA VAL A 252 19.08 7.14 -4.46
C VAL A 252 19.61 7.06 -3.04
N LEU A 253 19.58 5.87 -2.46
CA LEU A 253 20.07 5.70 -1.10
C LEU A 253 21.58 6.03 -1.00
N ARG A 254 22.36 5.63 -2.01
CA ARG A 254 23.77 6.00 -2.03
C ARG A 254 24.00 7.49 -2.14
N GLU A 255 23.31 8.14 -3.06
CA GLU A 255 23.43 9.59 -3.18
C GLU A 255 23.12 10.34 -1.90
N ILE A 256 22.29 9.80 -1.02
CA ILE A 256 21.89 10.58 0.16
C ILE A 256 22.66 10.22 1.42
N GLY A 257 23.60 9.29 1.29
CA GLY A 257 24.58 9.03 2.32
C GLY A 257 24.58 7.68 3.00
N TYR A 258 23.92 6.68 2.41
CA TYR A 258 23.81 5.41 3.09
C TYR A 258 25.04 4.55 2.96
N SER A 259 25.38 3.88 4.06
CA SER A 259 26.48 2.95 4.06
C SER A 259 26.11 1.74 3.19
N GLU A 260 27.11 1.08 2.61
CA GLU A 260 26.87 -0.13 1.80
C GLU A 260 26.22 -1.27 2.59
N GLY A 261 26.44 -1.30 3.90
CA GLY A 261 25.73 -2.25 4.76
C GLY A 261 24.21 -2.08 4.64
N ALA A 262 23.73 -0.86 4.93
CA ALA A 262 22.34 -0.51 4.81
C ALA A 262 21.80 -0.78 3.39
N ILE A 263 22.51 -0.26 2.39
CA ILE A 263 22.14 -0.37 0.98
C ILE A 263 21.99 -1.80 0.51
N SER A 264 22.81 -2.70 1.02
CA SER A 264 22.76 -4.09 0.60
C SER A 264 21.45 -4.77 1.00
N LEU A 265 20.73 -4.17 1.95
CA LEU A 265 19.45 -4.72 2.38
C LEU A 265 18.41 -4.74 1.24
N ILE A 266 18.51 -3.78 0.31
CA ILE A 266 17.59 -3.71 -0.83
C ILE A 266 17.58 -4.98 -1.69
N GLU A 267 18.71 -5.66 -1.78
CA GLU A 267 18.80 -6.85 -2.60
C GLU A 267 17.96 -7.96 -2.00
N GLY A 268 17.83 -7.93 -0.66
CA GLY A 268 17.03 -8.91 0.06
C GLY A 268 15.53 -8.69 -0.12
N ILE A 269 15.16 -7.56 -0.72
CA ILE A 269 13.77 -7.26 -1.09
C ILE A 269 13.58 -7.48 -2.60
N ASN A 270 14.67 -7.27 -3.35
CA ASN A 270 14.67 -7.55 -4.78
C ASN A 270 14.66 -9.04 -5.10
N HIS A 271 15.36 -9.82 -4.30
CA HIS A 271 15.50 -11.24 -4.50
C HIS A 271 15.01 -11.90 -3.24
N THR A 272 13.85 -12.54 -3.29
CA THR A 272 13.25 -13.04 -2.05
C THR A 272 12.82 -14.48 -2.22
N HIS A 273 12.70 -15.18 -1.10
CA HIS A 273 12.14 -16.53 -1.09
C HIS A 273 10.82 -16.50 -0.31
N HIS A 274 9.83 -17.22 -0.83
CA HIS A 274 8.50 -17.19 -0.27
C HIS A 274 8.14 -18.61 0.06
N VAL A 275 7.32 -18.80 1.08
CA VAL A 275 6.76 -20.12 1.36
C VAL A 275 5.26 -19.99 1.33
N TYR A 276 4.66 -20.64 0.35
CA TYR A 276 3.23 -20.63 0.23
C TYR A 276 2.76 -22.04 0.40
N ARG A 277 1.93 -22.27 1.41
CA ARG A 277 1.45 -23.60 1.76
C ARG A 277 2.66 -24.53 1.93
N ASN A 278 2.84 -25.53 1.08
CA ASN A 278 4.03 -26.37 1.32
C ASN A 278 5.02 -26.44 0.14
N LYS A 279 5.22 -25.28 -0.48
CA LYS A 279 6.15 -25.10 -1.58
C LYS A 279 6.96 -23.86 -1.28
N THR A 280 8.20 -23.84 -1.70
CA THR A 280 8.95 -22.63 -1.57
C THR A 280 9.39 -22.15 -2.92
N TYR A 281 9.43 -20.84 -3.10
CA TYR A 281 9.76 -20.36 -4.40
C TYR A 281 10.54 -19.08 -4.36
N CYS A 282 11.30 -18.86 -5.42
CA CYS A 282 12.24 -17.76 -5.50
C CYS A 282 11.70 -16.73 -6.47
N VAL A 283 11.65 -15.48 -6.01
CA VAL A 283 11.16 -14.39 -6.84
C VAL A 283 12.30 -13.38 -7.01
N LEU A 284 12.55 -12.97 -8.23
CA LEU A 284 13.48 -11.90 -8.52
C LEU A 284 12.70 -10.72 -9.12
N GLY A 285 12.97 -9.49 -8.68
CA GLY A 285 12.12 -8.34 -8.97
C GLY A 285 10.85 -8.42 -8.12
N GLY A 286 10.00 -7.39 -8.21
CA GLY A 286 8.72 -7.37 -7.48
C GLY A 286 8.87 -6.95 -6.02
N MET A 287 8.13 -5.91 -5.62
CA MET A 287 8.07 -5.55 -4.22
C MET A 287 7.15 -6.51 -3.47
N PRO A 288 7.67 -7.19 -2.42
CA PRO A 288 6.81 -8.04 -1.57
C PRO A 288 5.63 -7.25 -1.03
N SER A 289 4.43 -7.83 -1.11
CA SER A 289 3.16 -7.13 -0.94
C SER A 289 2.37 -7.44 0.34
N GLY A 290 1.64 -6.44 0.83
CA GLY A 290 0.69 -6.64 1.94
C GLY A 290 1.03 -5.96 3.25
N CYS A 291 2.14 -5.24 3.24
CA CYS A 291 2.63 -4.39 4.34
C CYS A 291 3.23 -3.25 3.50
N SER A 292 3.24 -1.98 3.91
CA SER A 292 3.37 -1.40 5.25
C SER A 292 4.86 -1.20 5.47
N GLY A 293 5.60 -2.26 5.81
CA GLY A 293 7.07 -2.17 5.96
C GLY A 293 7.79 -1.88 4.64
N THR A 294 6.97 -1.66 3.60
CA THR A 294 7.34 -1.69 2.20
C THR A 294 6.77 -0.43 1.52
N SER A 295 5.81 0.23 2.16
CA SER A 295 5.16 1.40 1.59
C SER A 295 6.10 2.52 1.16
N ILE A 296 7.10 2.81 1.99
CA ILE A 296 7.97 3.93 1.69
C ILE A 296 8.84 3.61 0.46
N PHE A 297 9.39 2.42 0.40
CA PHE A 297 10.21 2.06 -0.75
C PHE A 297 9.41 1.94 -2.06
N ASN A 298 8.15 1.47 -1.99
CA ASN A 298 7.28 1.49 -3.16
C ASN A 298 7.06 2.90 -3.64
N SER A 299 6.85 3.81 -2.69
CA SER A 299 6.61 5.22 -2.98
C SER A 299 7.84 5.95 -3.53
N MET A 300 9.00 5.63 -2.98
CA MET A 300 10.27 6.20 -3.46
C MET A 300 10.49 5.71 -4.88
N ILE A 301 10.38 4.40 -5.12
CA ILE A 301 10.53 3.84 -6.45
C ILE A 301 9.54 4.48 -7.44
N ASN A 302 8.35 4.81 -6.96
CA ASN A 302 7.39 5.45 -7.85
C ASN A 302 7.85 6.84 -8.28
N ASN A 303 8.50 7.58 -7.37
CA ASN A 303 9.07 8.88 -7.70
C ASN A 303 10.15 8.78 -8.78
N ILE A 304 10.96 7.72 -8.70
CA ILE A 304 11.94 7.44 -9.73
C ILE A 304 11.21 7.11 -11.05
N ILE A 305 10.26 6.19 -11.01
CA ILE A 305 9.54 5.77 -12.22
C ILE A 305 8.95 6.96 -12.97
N ILE A 306 8.20 7.79 -12.28
CA ILE A 306 7.48 8.86 -12.91
C ILE A 306 8.46 9.80 -13.60
N ARG A 307 9.56 10.11 -12.91
CA ARG A 307 10.62 10.95 -13.46
C ARG A 307 11.24 10.34 -14.71
N ALA A 308 11.59 9.06 -14.63
CA ALA A 308 12.20 8.37 -15.76
C ALA A 308 11.28 8.31 -16.96
N LEU A 309 9.98 8.12 -16.74
CA LEU A 309 9.04 8.06 -17.85
C LEU A 309 8.93 9.44 -18.47
N LEU A 310 9.00 10.47 -17.63
CA LEU A 310 8.80 11.82 -18.10
C LEU A 310 9.92 12.25 -19.04
N ILE A 311 11.18 12.05 -18.62
CA ILE A 311 12.30 12.48 -19.46
C ILE A 311 12.57 11.57 -20.65
N LYS A 312 12.09 10.34 -20.60
CA LYS A 312 12.28 9.44 -21.72
C LYS A 312 11.21 9.64 -22.80
N THR A 313 10.06 10.20 -22.42
CA THR A 313 8.95 10.33 -23.37
C THR A 313 8.95 11.70 -24.03
N PHE A 314 9.31 12.72 -23.25
CA PHE A 314 9.28 14.10 -23.70
C PHE A 314 10.65 14.76 -23.54
N LYS A 315 11.20 15.27 -24.64
CA LYS A 315 12.47 16.00 -24.62
C LYS A 315 12.31 17.36 -23.98
N GLY A 316 13.37 17.80 -23.30
CA GLY A 316 13.39 19.13 -22.66
C GLY A 316 12.32 19.35 -21.59
N ILE A 317 11.82 18.24 -21.03
CA ILE A 317 10.86 18.29 -19.94
C ILE A 317 11.66 18.69 -18.70
N ASP A 318 11.13 19.62 -17.91
CA ASP A 318 11.89 20.08 -16.76
C ASP A 318 11.34 19.43 -15.47
N LEU A 319 12.16 18.54 -14.92
CA LEU A 319 11.80 17.78 -13.74
C LEU A 319 11.67 18.65 -12.52
N ASP A 320 12.33 19.82 -12.52
CA ASP A 320 12.16 20.75 -11.40
C ASP A 320 10.70 21.24 -11.31
N GLU A 321 9.99 21.16 -12.43
CA GLU A 321 8.61 21.62 -12.49
C GLU A 321 7.57 20.54 -12.21
N LEU A 322 8.06 19.35 -11.83
CA LEU A 322 7.19 18.25 -11.45
C LEU A 322 6.87 18.33 -9.97
N ASN A 323 5.60 18.15 -9.64
CA ASN A 323 5.13 17.96 -8.27
C ASN A 323 4.38 16.65 -8.19
N MET A 324 4.72 15.80 -7.22
CA MET A 324 3.99 14.54 -7.05
C MET A 324 4.02 14.03 -5.63
N VAL A 325 2.95 13.34 -5.27
CA VAL A 325 2.96 12.50 -4.09
C VAL A 325 2.59 11.09 -4.51
N ALA A 326 3.24 10.12 -3.87
CA ALA A 326 2.97 8.70 -4.08
C ALA A 326 2.64 7.98 -2.77
N TYR A 327 1.77 6.99 -2.87
CA TYR A 327 1.50 6.07 -1.78
C TYR A 327 1.43 4.69 -2.44
N GLY A 328 2.55 3.96 -2.39
CA GLY A 328 2.63 2.68 -3.08
C GLY A 328 2.50 2.91 -4.57
N ASP A 329 1.67 2.10 -5.20
CA ASP A 329 1.40 2.26 -6.61
C ASP A 329 0.58 3.50 -6.90
N ASP A 330 0.00 4.14 -5.89
CA ASP A 330 -0.94 5.25 -6.13
C ASP A 330 -0.24 6.61 -6.22
N VAL A 331 -0.45 7.34 -7.31
CA VAL A 331 0.30 8.58 -7.58
C VAL A 331 -0.63 9.70 -7.99
N LEU A 332 -0.40 10.90 -7.46
CA LEU A 332 -1.06 12.12 -7.93
C LEU A 332 0.05 13.09 -8.26
N ALA A 333 0.01 13.66 -9.46
CA ALA A 333 1.05 14.57 -9.89
C ALA A 333 0.47 15.72 -10.70
N SER A 334 1.27 16.78 -10.83
CA SER A 334 0.94 17.95 -11.62
C SER A 334 2.16 18.51 -12.37
N TYR A 335 1.89 19.22 -13.47
CA TYR A 335 2.93 19.85 -14.27
C TYR A 335 2.34 21.18 -14.73
N PRO A 336 3.19 22.19 -15.03
CA PRO A 336 2.67 23.49 -15.51
C PRO A 336 1.76 23.45 -16.74
N PHE A 337 1.87 22.41 -17.55
CA PHE A 337 0.96 22.22 -18.66
C PHE A 337 0.62 20.75 -18.87
N PRO A 338 -0.53 20.45 -19.51
CA PRO A 338 -0.98 19.06 -19.75
C PRO A 338 0.09 18.12 -20.33
N ILE A 339 -0.10 16.83 -20.00
CA ILE A 339 0.85 15.77 -20.35
C ILE A 339 0.09 14.66 -21.07
N ASP A 340 0.65 14.18 -22.17
CA ASP A 340 0.02 13.08 -22.90
C ASP A 340 0.19 11.78 -22.12
N CYS A 341 -0.81 11.44 -21.33
CA CYS A 341 -0.73 10.27 -20.47
C CYS A 341 -0.60 8.97 -21.24
N LEU A 342 -1.28 8.88 -22.37
CA LEU A 342 -1.14 7.75 -23.27
C LEU A 342 0.30 7.48 -23.70
N GLU A 343 1.04 8.54 -24.00
CA GLU A 343 2.44 8.38 -24.42
C GLU A 343 3.29 7.95 -23.23
N LEU A 344 2.97 8.48 -22.04
CA LEU A 344 3.61 8.02 -20.82
C LEU A 344 3.39 6.51 -20.62
N ALA A 345 2.14 6.07 -20.77
CA ALA A 345 1.74 4.68 -20.58
C ALA A 345 2.38 3.71 -21.57
N LYS A 346 2.78 4.22 -22.73
CA LYS A 346 3.45 3.37 -23.71
C LYS A 346 4.93 3.23 -23.38
N THR A 347 5.55 4.31 -22.93
CA THR A 347 6.90 4.24 -22.37
C THR A 347 6.92 3.26 -21.19
N GLY A 348 5.93 3.38 -20.31
CA GLY A 348 5.74 2.46 -19.21
C GLY A 348 5.77 1.01 -19.66
N LYS A 349 5.03 0.72 -20.71
CA LYS A 349 4.99 -0.62 -21.30
C LYS A 349 6.40 -1.13 -21.65
N GLU A 350 7.27 -0.25 -22.15
CA GLU A 350 8.67 -0.63 -22.46
C GLU A 350 9.38 -1.17 -21.21
N TYR A 351 9.13 -0.55 -20.05
CA TYR A 351 9.74 -0.96 -18.79
C TYR A 351 8.95 -2.08 -18.08
N GLY A 352 7.98 -2.68 -18.76
CA GLY A 352 7.15 -3.74 -18.15
C GLY A 352 6.10 -3.27 -17.17
N LEU A 353 5.82 -1.97 -17.13
CA LEU A 353 4.76 -1.43 -16.31
C LEU A 353 3.44 -1.25 -17.10
N THR A 354 2.32 -1.72 -16.53
CA THR A 354 1.00 -1.58 -17.14
C THR A 354 0.24 -0.40 -16.52
N MET A 355 -0.11 0.56 -17.35
CA MET A 355 -0.72 1.79 -16.89
C MET A 355 -1.94 2.16 -17.71
N THR A 356 -2.94 2.68 -17.02
CA THR A 356 -4.19 3.08 -17.65
C THR A 356 -4.68 4.38 -16.97
N PRO A 357 -4.87 5.45 -17.76
CA PRO A 357 -5.40 6.66 -17.11
C PRO A 357 -6.72 6.35 -16.40
N ALA A 358 -6.81 6.71 -15.11
CA ALA A 358 -8.01 6.50 -14.30
C ALA A 358 -9.22 7.28 -14.86
N ASP A 359 -10.15 6.53 -15.46
CA ASP A 359 -11.32 7.08 -16.17
C ASP A 359 -12.09 5.93 -16.87
N LYS A 360 -12.70 6.22 -18.01
CA LYS A 360 -13.37 5.21 -18.83
C LYS A 360 -12.37 4.64 -19.86
N SER A 361 -12.25 5.31 -21.01
CA SER A 361 -11.34 4.91 -22.09
C SER A 361 -11.15 6.03 -23.15
N PRO A 362 -9.89 6.32 -23.53
CA PRO A 362 -8.69 5.80 -22.86
C PRO A 362 -8.04 6.77 -21.84
N CYS A 363 -8.09 8.08 -22.12
CA CYS A 363 -7.17 9.04 -21.50
C CYS A 363 -7.77 10.13 -20.61
N PHE A 364 -7.44 11.38 -20.93
CA PHE A 364 -7.43 12.50 -19.97
C PHE A 364 -8.38 13.65 -20.22
N ASN A 365 -9.49 13.70 -19.47
CA ASN A 365 -10.35 14.90 -19.47
C ASN A 365 -9.71 16.07 -18.70
N GLU A 366 -8.43 16.32 -19.01
CA GLU A 366 -7.47 17.09 -18.19
C GLU A 366 -7.06 16.31 -16.93
N VAL A 367 -8.03 15.60 -16.34
CA VAL A 367 -8.07 15.18 -14.94
C VAL A 367 -7.80 16.37 -13.99
N ASN A 368 -8.89 17.01 -13.57
CA ASN A 368 -8.88 18.14 -12.64
C ASN A 368 -9.57 17.71 -11.35
N TRP A 369 -9.66 18.62 -10.38
CA TRP A 369 -10.05 18.24 -9.01
C TRP A 369 -11.38 17.51 -8.83
N ASP A 370 -12.37 17.81 -9.65
CA ASP A 370 -13.69 17.18 -9.56
C ASP A 370 -13.71 15.67 -9.80
N ASN A 371 -12.80 15.18 -10.62
CA ASN A 371 -12.75 13.76 -10.85
C ASN A 371 -11.45 13.02 -10.45
N ALA A 372 -10.46 13.78 -9.98
CA ALA A 372 -9.25 13.22 -9.36
C ALA A 372 -9.56 12.24 -8.22
N THR A 373 -8.73 11.19 -8.14
CA THR A 373 -8.81 10.13 -7.16
C THR A 373 -7.44 9.87 -6.56
N PHE A 374 -7.38 9.68 -5.25
CA PHE A 374 -6.14 9.36 -4.59
C PHE A 374 -6.53 8.59 -3.32
N LEU A 375 -5.84 7.48 -3.04
CA LEU A 375 -6.19 6.59 -1.92
C LEU A 375 -7.68 6.25 -1.94
N LYS A 376 -8.20 6.01 -3.15
CA LYS A 376 -9.62 5.75 -3.40
C LYS A 376 -10.59 6.94 -3.33
N ARG A 377 -10.17 8.01 -2.62
CA ARG A 377 -11.04 9.13 -2.35
C ARG A 377 -11.04 10.23 -3.40
N GLY A 378 -12.19 10.87 -3.58
CA GLY A 378 -12.27 12.10 -4.36
C GLY A 378 -11.99 13.35 -3.53
N PHE A 379 -12.24 14.51 -4.13
CA PHE A 379 -11.85 15.80 -3.60
C PHE A 379 -13.05 16.72 -3.73
N LEU A 380 -13.66 17.03 -2.59
CA LEU A 380 -14.89 17.80 -2.57
C LEU A 380 -14.72 19.03 -1.68
N PRO A 381 -14.61 20.21 -2.29
CA PRO A 381 -14.47 21.43 -1.49
C PRO A 381 -15.67 21.57 -0.58
N ASP A 382 -15.42 21.96 0.67
CA ASP A 382 -16.50 22.30 1.60
C ASP A 382 -17.40 23.39 1.05
N GLU A 383 -18.69 23.30 1.32
CA GLU A 383 -19.70 24.21 0.76
C GLU A 383 -19.55 25.60 1.32
N GLN A 384 -19.30 25.68 2.62
CA GLN A 384 -19.18 26.94 3.34
C GLN A 384 -17.74 27.43 3.32
N PHE A 385 -16.77 26.51 3.40
CA PHE A 385 -15.36 26.90 3.51
C PHE A 385 -14.54 26.25 2.40
N PRO A 386 -14.68 26.76 1.17
CA PRO A 386 -14.08 26.08 0.01
C PRO A 386 -12.60 25.74 0.11
N PHE A 387 -11.84 26.48 0.92
CA PHE A 387 -10.41 26.15 1.07
C PHE A 387 -10.21 24.83 1.82
N LEU A 388 -11.26 24.34 2.50
CA LEU A 388 -11.23 23.02 3.15
C LEU A 388 -11.78 21.94 2.21
N ILE A 389 -10.98 20.89 1.98
CA ILE A 389 -11.33 19.87 1.02
C ILE A 389 -11.71 18.56 1.71
N HIS A 390 -12.91 18.04 1.44
CA HIS A 390 -13.30 16.76 2.02
C HIS A 390 -12.70 15.60 1.21
N PRO A 391 -12.08 14.62 1.88
CA PRO A 391 -11.76 13.43 1.14
C PRO A 391 -13.04 12.58 1.04
N THR A 392 -13.47 12.25 -0.17
CA THR A 392 -14.72 11.48 -0.31
C THR A 392 -14.49 10.04 -0.77
N MET A 393 -14.64 9.09 0.16
CA MET A 393 -14.75 7.66 -0.16
C MET A 393 -16.08 7.45 -0.85
N PRO A 394 -16.09 6.83 -2.03
CA PRO A 394 -17.36 6.62 -2.74
C PRO A 394 -18.34 5.76 -1.93
N MET A 395 -19.61 6.14 -1.93
CA MET A 395 -20.64 5.43 -1.19
C MET A 395 -20.77 4.00 -1.66
N ARG A 396 -20.43 3.78 -2.91
CA ARG A 396 -20.44 2.43 -3.49
C ARG A 396 -19.53 1.49 -2.67
N GLU A 397 -18.36 1.99 -2.25
CA GLU A 397 -17.42 1.21 -1.46
C GLU A 397 -17.97 0.98 -0.09
N ILE A 398 -18.65 2.00 0.43
CA ILE A 398 -19.21 1.93 1.75
C ILE A 398 -20.36 0.92 1.75
N HIS A 399 -21.17 0.97 0.71
CA HIS A 399 -22.23 -0.02 0.50
C HIS A 399 -21.67 -1.44 0.45
N GLU A 400 -20.59 -1.67 -0.30
CA GLU A 400 -20.00 -3.02 -0.37
C GLU A 400 -19.61 -3.49 1.03
N SER A 401 -18.86 -2.64 1.75
CA SER A 401 -18.32 -3.03 3.06
C SER A 401 -19.40 -3.36 4.08
N ILE A 402 -20.45 -2.55 4.15
CA ILE A 402 -21.42 -2.73 5.25
C ILE A 402 -22.13 -4.11 5.19
N ARG A 403 -22.16 -4.70 4.00
CA ARG A 403 -22.92 -5.88 3.75
C ARG A 403 -22.27 -7.16 4.31
N TRP A 404 -21.07 -7.04 4.88
CA TRP A 404 -20.29 -8.19 5.32
C TRP A 404 -19.58 -7.86 6.61
N THR A 405 -19.25 -8.88 7.39
CA THR A 405 -18.51 -8.65 8.60
C THR A 405 -17.65 -9.86 8.92
N LYS A 406 -16.53 -9.62 9.63
CA LYS A 406 -15.69 -10.74 10.03
C LYS A 406 -16.04 -11.15 11.45
N ASP A 407 -16.80 -10.31 12.14
CA ASP A 407 -17.25 -10.63 13.48
C ASP A 407 -18.59 -9.96 13.79
N ALA A 408 -19.60 -10.81 14.04
CA ALA A 408 -20.98 -10.35 14.28
C ALA A 408 -21.10 -9.41 15.49
N ARG A 409 -20.16 -9.51 16.43
CA ARG A 409 -20.17 -8.65 17.63
C ARG A 409 -19.82 -7.18 17.30
N ASN A 410 -19.31 -6.93 16.10
CA ASN A 410 -18.79 -5.59 15.76
C ASN A 410 -19.70 -4.66 14.96
N THR A 411 -20.99 -4.96 14.92
CA THR A 411 -21.94 -4.12 14.18
C THR A 411 -21.86 -2.61 14.52
N GLN A 412 -21.80 -2.27 15.80
CA GLN A 412 -21.68 -0.87 16.26
C GLN A 412 -20.40 -0.19 15.70
N ASP A 413 -19.24 -0.77 15.96
CA ASP A 413 -17.97 -0.21 15.54
C ASP A 413 -17.82 -0.15 14.05
N HIS A 414 -18.29 -1.19 13.37
CA HIS A 414 -18.18 -1.25 11.93
C HIS A 414 -19.05 -0.15 11.32
N VAL A 415 -20.26 0.02 11.87
CA VAL A 415 -21.13 1.07 11.35
C VAL A 415 -20.59 2.48 11.64
N ARG A 416 -20.13 2.73 12.86
CA ARG A 416 -19.51 4.05 13.20
C ARG A 416 -18.34 4.37 12.24
N SER A 417 -17.44 3.40 12.06
CA SER A 417 -16.37 3.47 11.05
C SER A 417 -16.79 3.97 9.69
N LEU A 418 -17.84 3.35 9.17
CA LEU A 418 -18.32 3.70 7.85
C LEU A 418 -18.96 5.11 7.85
N CYS A 419 -19.67 5.47 8.92
CA CYS A 419 -20.19 6.81 9.04
C CYS A 419 -19.07 7.85 9.03
N LEU A 420 -17.96 7.59 9.74
CA LEU A 420 -16.81 8.50 9.72
C LEU A 420 -16.27 8.73 8.33
N LEU A 421 -16.43 7.75 7.46
CA LEU A 421 -16.03 7.91 6.08
C LEU A 421 -17.14 8.57 5.24
N ALA A 422 -18.42 8.25 5.52
CA ALA A 422 -19.48 8.64 4.60
C ALA A 422 -19.89 10.13 4.61
N TRP A 423 -19.83 10.74 5.79
CA TRP A 423 -20.35 12.09 5.94
C TRP A 423 -19.60 13.08 5.03
N HIS A 424 -18.34 12.77 4.74
CA HIS A 424 -17.54 13.63 3.86
C HIS A 424 -18.17 13.83 2.48
N ASN A 425 -19.13 12.99 2.13
CA ASN A 425 -19.82 13.10 0.82
C ASN A 425 -20.95 14.13 0.81
N GLY A 426 -21.17 14.76 1.95
CA GLY A 426 -22.22 15.77 2.05
C GLY A 426 -23.43 15.32 2.85
N LYS A 427 -24.14 16.31 3.40
CA LYS A 427 -25.31 16.10 4.25
C LYS A 427 -26.37 15.19 3.65
N GLN A 428 -26.63 15.39 2.37
CA GLN A 428 -27.66 14.68 1.68
C GLN A 428 -27.32 13.20 1.44
N GLU A 429 -26.11 12.94 0.98
CA GLU A 429 -25.64 11.58 0.90
C GLU A 429 -25.62 10.91 2.28
N TYR A 430 -25.09 11.60 3.28
CA TYR A 430 -25.00 11.04 4.62
C TYR A 430 -26.37 10.63 5.17
N GLU A 431 -27.37 11.49 4.96
CA GLU A 431 -28.67 11.30 5.57
C GLU A 431 -29.38 10.13 4.91
N LYS A 432 -29.17 9.99 3.61
CA LYS A 432 -29.71 8.86 2.86
C LYS A 432 -29.12 7.55 3.40
N PHE A 433 -27.82 7.57 3.65
CA PHE A 433 -27.11 6.43 4.22
C PHE A 433 -27.68 6.08 5.59
N VAL A 434 -27.72 7.07 6.49
CA VAL A 434 -28.22 6.85 7.85
C VAL A 434 -29.67 6.33 7.83
N SER A 435 -30.47 6.87 6.93
CA SER A 435 -31.87 6.47 6.88
C SER A 435 -32.05 5.00 6.42
N THR A 436 -31.20 4.55 5.48
CA THR A 436 -31.16 3.14 5.12
C THR A 436 -30.66 2.27 6.29
N ILE A 437 -29.71 2.75 7.08
CA ILE A 437 -29.25 1.95 8.20
C ILE A 437 -30.48 1.81 9.05
N ARG A 438 -31.26 2.88 9.15
CA ARG A 438 -32.38 2.95 10.06
C ARG A 438 -33.66 2.33 9.54
N SER A 439 -33.64 1.76 8.33
CA SER A 439 -34.85 1.12 7.76
C SER A 439 -35.11 -0.27 8.36
N VAL A 440 -34.21 -0.68 9.25
CA VAL A 440 -34.18 -2.02 9.80
C VAL A 440 -34.04 -1.86 11.31
N PRO A 441 -34.83 -2.60 12.10
CA PRO A 441 -34.80 -2.41 13.57
C PRO A 441 -33.42 -2.41 14.22
N VAL A 442 -32.49 -3.32 13.84
CA VAL A 442 -31.11 -3.27 14.41
C VAL A 442 -30.41 -1.93 14.18
N GLY A 443 -30.65 -1.37 13.00
CA GLY A 443 -30.09 -0.09 12.62
C GLY A 443 -30.55 0.94 13.61
N ARG A 444 -31.85 0.94 13.91
CA ARG A 444 -32.42 1.92 14.85
C ARG A 444 -31.83 1.85 16.26
N ALA A 445 -31.25 0.71 16.60
CA ALA A 445 -30.72 0.51 17.94
C ALA A 445 -29.30 0.98 18.05
N LEU A 446 -28.66 1.25 16.91
CA LEU A 446 -27.28 1.70 16.89
C LEU A 446 -27.13 3.18 17.26
N ALA A 447 -25.98 3.50 17.86
CA ALA A 447 -25.52 4.90 18.06
C ALA A 447 -24.86 5.43 16.76
N ILE A 448 -25.56 6.30 16.06
CA ILE A 448 -25.05 6.84 14.81
C ILE A 448 -24.73 8.33 14.91
N PRO A 449 -23.48 8.73 14.54
CA PRO A 449 -22.98 10.11 14.70
C PRO A 449 -23.82 11.12 13.96
N ASN A 450 -23.94 12.31 14.54
CA ASN A 450 -24.71 13.41 13.97
C ASN A 450 -23.85 14.16 12.95
N TYR A 451 -24.43 14.42 11.78
CA TYR A 451 -23.70 15.08 10.71
C TYR A 451 -22.99 16.36 11.12
N GLU A 452 -23.72 17.33 11.65
CA GLU A 452 -23.09 18.65 11.86
C GLU A 452 -22.10 18.62 12.99
N ASN A 453 -22.25 17.67 13.88
CA ASN A 453 -21.26 17.46 14.93
C ASN A 453 -19.97 16.84 14.35
N LEU A 454 -20.13 15.84 13.47
CA LEU A 454 -19.00 15.28 12.78
C LEU A 454 -18.19 16.39 12.07
N ARG A 455 -18.92 17.31 11.45
CA ARG A 455 -18.31 18.37 10.69
C ARG A 455 -17.56 19.34 11.60
N ARG A 456 -18.17 19.71 12.73
CA ARG A 456 -17.54 20.66 13.63
C ARG A 456 -16.28 20.11 14.21
N ASN A 457 -16.24 18.81 14.44
CA ASN A 457 -14.98 18.23 14.93
C ASN A 457 -13.91 18.31 13.87
N TRP A 458 -14.30 18.11 12.62
CA TRP A 458 -13.41 18.25 11.48
C TRP A 458 -12.88 19.70 11.36
N LEU A 459 -13.75 20.70 11.45
CA LEU A 459 -13.27 22.08 11.40
C LEU A 459 -12.17 22.34 12.45
N GLU A 460 -12.31 21.76 13.64
CA GLU A 460 -11.31 21.91 14.68
C GLU A 460 -9.90 21.44 14.30
N LEU A 461 -9.78 20.60 13.28
CA LEU A 461 -8.46 20.13 12.86
C LEU A 461 -7.69 21.22 12.08
N PHE A 462 -8.36 22.31 11.72
CA PHE A 462 -7.69 23.28 10.89
C PHE A 462 -7.35 24.55 11.65
NI NI B . 16.54 -17.20 -4.98
PG GTP C . -6.23 -4.38 -11.96
O1G GTP C . -6.15 -5.85 -12.23
O2G GTP C . -6.25 -3.62 -13.27
O3G GTP C . -7.50 -4.11 -11.17
O3B GTP C . -4.87 -3.92 -11.19
PB GTP C . -4.59 -3.86 -9.60
O1B GTP C . -5.18 -2.58 -9.01
O2B GTP C . -3.09 -3.96 -9.38
O3A GTP C . -5.39 -5.16 -9.04
PA GTP C . -5.50 -5.65 -7.49
O1A GTP C . -6.86 -5.24 -6.93
O2A GTP C . -5.30 -7.15 -7.45
O5' GTP C . -4.31 -4.88 -6.71
C5' GTP C . -3.00 -5.37 -6.55
C4' GTP C . -2.22 -4.17 -6.06
O4' GTP C . -2.71 -3.79 -4.78
C3' GTP C . -0.72 -4.42 -5.89
O3' GTP C . 0.02 -4.15 -7.08
C2' GTP C . -0.34 -3.52 -4.71
O2' GTP C . 0.25 -2.30 -5.11
C1' GTP C . -1.65 -3.21 -4.01
N9 GTP C . -1.78 -3.83 -2.66
C8 GTP C . -2.19 -3.19 -1.51
N7 GTP C . -2.25 -4.10 -0.51
C5 GTP C . -1.90 -5.32 -1.01
C6 GTP C . -1.79 -6.58 -0.42
O6 GTP C . -2.04 -6.74 0.78
N1 GTP C . -1.40 -7.67 -1.19
C2 GTP C . -1.13 -7.52 -2.54
N2 GTP C . -0.75 -8.57 -3.26
N3 GTP C . -1.22 -6.25 -3.12
C4 GTP C . -1.60 -5.17 -2.36
#